data_2PHU
#
_entry.id   2PHU
#
_cell.length_a   56.696
_cell.length_b   83.348
_cell.length_c   122.690
_cell.angle_alpha   90.000
_cell.angle_beta   90.000
_cell.angle_gamma   90.000
#
_symmetry.space_group_name_H-M   'P 21 21 21'
#
loop_
_entity.id
_entity.type
_entity.pdbx_description
1 polymer Lectin
2 branched alpha-D-mannopyranose-(1-2)-alpha-D-mannopyranose-(1-6)-[alpha-D-mannopyranose-(1-3)]alpha-D-mannopyranose-(1-6)-beta-D-mannopyranose
3 non-polymer alpha-D-mannopyranose
4 non-polymer 'MANGANESE (II) ION'
5 non-polymer 'CALCIUM ION'
6 water water
#
_entity_poly.entity_id   1
_entity_poly.type   'polypeptide(L)'
_entity_poly.pdbx_seq_one_letter_code
;(PCA)DSLSFGFPTFPSDQKNLIFQGDAQIKNNAVQLTKTDSNGNPVASTVGRILFSAQVHLWEKSSSRVANFQSQFSFS
LKSPLSNGADGIAFFIAPPDTTIPSGSGGGLLGLFAPGTAQNTSANQVIAVEFDTFYAQDSNTWDPNYPHIGIDVNSIRS
VKTVKWDRRDGQSLNVLVTFNPSTRNLDVVATYSDGTRYEVSYEVDVRSVLPEWVRVGFSAASGEQYQTHTLESWSFTST
LLYTAQKKGENLALEM
;
_entity_poly.pdbx_strand_id   A,B
#
loop_
_chem_comp.id
_chem_comp.type
_chem_comp.name
_chem_comp.formula
BMA D-saccharide, beta linking beta-D-mannopyranose 'C6 H12 O6'
CA non-polymer 'CALCIUM ION' 'Ca 2'
MAN D-saccharide, alpha linking alpha-D-mannopyranose 'C6 H12 O6'
MN non-polymer 'MANGANESE (II) ION' 'Mn 2'
#
# COMPACT_ATOMS: atom_id res chain seq x y z
N PCA A 1 -2.12 8.67 -2.14
CA PCA A 1 -3.24 8.18 -2.98
CB PCA A 1 -3.08 6.68 -3.13
CG PCA A 1 -2.28 6.25 -1.94
CD PCA A 1 -1.50 7.47 -1.47
OE PCA A 1 -0.72 7.40 -0.53
C PCA A 1 -4.58 8.49 -2.34
O PCA A 1 -4.72 8.44 -1.11
N ASP A 2 -5.55 8.81 -3.17
CA ASP A 2 -6.91 9.11 -2.71
C ASP A 2 -7.59 7.80 -2.30
N SER A 3 -7.19 6.70 -2.92
CA SER A 3 -7.79 5.41 -2.60
C SER A 3 -6.70 4.37 -2.43
N LEU A 4 -6.89 3.48 -1.46
CA LEU A 4 -5.93 2.42 -1.16
C LEU A 4 -6.72 1.18 -0.80
N SER A 5 -6.22 0.04 -1.23
CA SER A 5 -6.91 -1.21 -0.94
C SER A 5 -5.91 -2.35 -0.93
N PHE A 6 -6.11 -3.30 -0.01
CA PHE A 6 -5.24 -4.45 0.09
C PHE A 6 -6.00 -5.60 0.73
N GLY A 7 -5.58 -6.82 0.43
CA GLY A 7 -6.27 -7.96 1.00
C GLY A 7 -5.36 -9.14 1.29
N PHE A 8 -5.47 -9.68 2.49
CA PHE A 8 -4.69 -10.84 2.91
C PHE A 8 -5.63 -12.01 3.14
N PRO A 9 -5.89 -12.84 2.10
CA PRO A 9 -6.79 -13.98 2.32
C PRO A 9 -6.22 -14.83 3.47
N THR A 10 -4.90 -14.96 3.50
CA THR A 10 -4.18 -15.69 4.54
C THR A 10 -2.91 -14.88 4.78
N PHE A 11 -2.06 -15.37 5.68
CA PHE A 11 -0.82 -14.68 6.01
C PHE A 11 0.44 -15.54 5.86
N PRO A 12 0.95 -15.67 4.62
CA PRO A 12 2.17 -16.46 4.38
C PRO A 12 3.31 -15.83 5.20
N SER A 13 4.32 -16.63 5.53
CA SER A 13 5.43 -16.14 6.34
C SER A 13 6.34 -15.07 5.74
N ASP A 14 6.42 -14.97 4.41
CA ASP A 14 7.28 -13.93 3.83
C ASP A 14 6.54 -12.61 3.63
N GLN A 15 6.35 -11.87 4.72
CA GLN A 15 5.66 -10.59 4.66
C GLN A 15 6.62 -9.44 4.40
N LYS A 16 6.18 -8.47 3.61
CA LYS A 16 7.01 -7.32 3.29
C LYS A 16 6.39 -6.00 3.73
N ASN A 17 5.06 -5.93 3.73
CA ASN A 17 4.38 -4.69 4.09
C ASN A 17 3.71 -4.64 5.46
N LEU A 18 4.14 -5.50 6.38
CA LEU A 18 3.57 -5.50 7.74
C LEU A 18 4.62 -5.05 8.75
N ILE A 19 4.19 -4.19 9.67
CA ILE A 19 5.06 -3.73 10.73
C ILE A 19 4.68 -4.55 11.96
N PHE A 20 5.61 -5.38 12.42
CA PHE A 20 5.39 -6.22 13.60
C PHE A 20 5.94 -5.53 14.83
N GLN A 21 5.14 -5.43 15.87
CA GLN A 21 5.57 -4.82 17.12
C GLN A 21 5.27 -5.77 18.26
N GLY A 22 6.09 -5.75 19.31
CA GLY A 22 5.87 -6.63 20.43
C GLY A 22 6.12 -8.08 20.06
N ASP A 23 5.24 -8.98 20.49
CA ASP A 23 5.42 -10.41 20.19
C ASP A 23 4.74 -10.94 18.95
N ALA A 24 4.12 -10.07 18.15
CA ALA A 24 3.41 -10.52 16.96
C ALA A 24 4.28 -11.24 15.92
N GLN A 25 3.78 -12.33 15.37
CA GLN A 25 4.52 -13.06 14.35
C GLN A 25 3.62 -14.01 13.56
N ILE A 26 4.08 -14.39 12.37
CA ILE A 26 3.35 -15.28 11.49
C ILE A 26 3.61 -16.75 11.86
N LYS A 27 2.54 -17.54 11.90
CA LYS A 27 2.61 -18.96 12.19
C LYS A 27 1.43 -19.66 11.55
N ASN A 28 1.71 -20.70 10.78
CA ASN A 28 0.64 -21.46 10.12
C ASN A 28 -0.28 -20.57 9.29
N ASN A 29 0.30 -19.75 8.43
CA ASN A 29 -0.44 -18.85 7.55
C ASN A 29 -1.42 -17.92 8.26
N ALA A 30 -1.15 -17.62 9.53
CA ALA A 30 -1.99 -16.72 10.29
C ALA A 30 -1.10 -15.84 11.14
N VAL A 31 -1.64 -14.74 11.65
CA VAL A 31 -0.86 -13.86 12.50
C VAL A 31 -1.18 -14.12 13.98
N GLN A 32 -0.19 -14.55 14.74
CA GLN A 32 -0.35 -14.79 16.17
C GLN A 32 0.08 -13.50 16.86
N LEU A 33 -0.89 -12.67 17.24
CA LEU A 33 -0.58 -11.41 17.87
C LEU A 33 0.11 -11.56 19.22
N THR A 34 -0.28 -12.56 20.00
CA THR A 34 0.32 -12.79 21.30
C THR A 34 1.21 -14.03 21.29
N LYS A 35 2.24 -14.02 22.13
CA LYS A 35 3.20 -15.12 22.22
C LYS A 35 2.61 -16.47 22.62
N THR A 36 3.14 -17.53 22.02
CA THR A 36 2.71 -18.89 22.32
C THR A 36 3.99 -19.70 22.52
N ASP A 37 3.92 -20.78 23.30
CA ASP A 37 5.10 -21.62 23.51
C ASP A 37 5.35 -22.49 22.29
N SER A 38 6.26 -23.45 22.43
CA SER A 38 6.61 -24.34 21.32
C SER A 38 5.44 -25.18 20.82
N ASN A 39 4.76 -25.88 21.72
CA ASN A 39 3.62 -26.70 21.32
C ASN A 39 2.39 -25.89 20.95
N GLY A 40 2.60 -24.60 20.69
CA GLY A 40 1.51 -23.72 20.27
C GLY A 40 0.51 -23.19 21.28
N ASN A 41 0.78 -23.29 22.56
CA ASN A 41 -0.15 -22.81 23.57
C ASN A 41 0.13 -21.39 24.01
N PRO A 42 -0.93 -20.65 24.37
CA PRO A 42 -0.86 -19.25 24.82
C PRO A 42 -0.09 -19.11 26.13
N VAL A 43 0.59 -17.98 26.28
CA VAL A 43 1.36 -17.71 27.49
C VAL A 43 0.95 -16.37 28.09
N ALA A 44 1.25 -16.17 29.36
CA ALA A 44 0.90 -14.94 30.06
C ALA A 44 1.85 -13.79 29.73
N SER A 45 1.44 -12.58 30.10
CA SER A 45 2.24 -11.38 29.91
C SER A 45 2.82 -11.24 28.51
N THR A 46 1.95 -11.03 27.53
CA THR A 46 2.40 -10.86 26.15
C THR A 46 1.53 -9.86 25.41
N VAL A 47 2.18 -8.97 24.65
CA VAL A 47 1.49 -7.96 23.85
C VAL A 47 2.07 -8.01 22.45
N GLY A 48 1.23 -7.77 21.44
CA GLY A 48 1.70 -7.79 20.06
C GLY A 48 0.77 -7.00 19.16
N ARG A 49 1.30 -6.40 18.10
CA ARG A 49 0.49 -5.62 17.18
C ARG A 49 1.10 -5.67 15.79
N ILE A 50 0.30 -5.39 14.78
CA ILE A 50 0.77 -5.34 13.40
C ILE A 50 0.10 -4.12 12.76
N LEU A 51 0.81 -3.49 11.84
CA LEU A 51 0.26 -2.34 11.11
C LEU A 51 0.66 -2.50 9.67
N PHE A 52 -0.20 -2.04 8.76
CA PHE A 52 0.13 -2.10 7.35
C PHE A 52 1.12 -0.96 7.15
N SER A 53 2.15 -1.18 6.35
CA SER A 53 3.19 -0.18 6.14
C SER A 53 2.73 1.10 5.46
N ALA A 54 1.89 0.97 4.42
CA ALA A 54 1.42 2.17 3.73
C ALA A 54 0.48 2.99 4.61
N GLN A 55 0.66 4.31 4.59
CA GLN A 55 -0.17 5.19 5.38
C GLN A 55 -1.49 5.46 4.67
N VAL A 56 -2.56 5.52 5.45
CA VAL A 56 -3.89 5.75 4.91
C VAL A 56 -4.27 7.22 5.02
N HIS A 57 -4.72 7.80 3.91
CA HIS A 57 -5.12 9.20 3.91
C HIS A 57 -6.59 9.22 4.37
N LEU A 58 -6.79 9.41 5.66
CA LEU A 58 -8.11 9.40 6.28
C LEU A 58 -8.95 10.64 5.96
N TRP A 59 -8.30 11.80 5.91
CA TRP A 59 -9.00 13.03 5.56
C TRP A 59 -8.00 14.07 5.04
N GLU A 60 -8.51 14.98 4.22
CA GLU A 60 -7.70 16.01 3.60
C GLU A 60 -8.35 17.36 3.84
N LYS A 61 -7.68 18.21 4.61
CA LYS A 61 -8.21 19.54 4.92
C LYS A 61 -8.38 20.43 3.70
N SER A 62 -7.35 20.53 2.87
CA SER A 62 -7.40 21.37 1.68
C SER A 62 -8.64 21.14 0.81
N SER A 63 -9.09 19.90 0.70
CA SER A 63 -10.27 19.60 -0.12
C SER A 63 -11.52 19.35 0.69
N SER A 64 -11.37 19.33 2.02
CA SER A 64 -12.51 19.10 2.91
C SER A 64 -13.08 17.69 2.69
N ARG A 65 -12.23 16.75 2.32
CA ARG A 65 -12.70 15.39 2.10
C ARG A 65 -12.35 14.46 3.25
N VAL A 66 -13.19 13.46 3.45
CA VAL A 66 -12.98 12.47 4.49
C VAL A 66 -13.14 11.12 3.81
N ALA A 67 -12.33 10.15 4.20
CA ALA A 67 -12.39 8.84 3.58
C ALA A 67 -13.49 7.95 4.14
N ASN A 68 -14.04 7.12 3.27
CA ASN A 68 -15.03 6.15 3.71
C ASN A 68 -14.12 4.92 3.72
N PHE A 69 -14.19 4.11 4.77
CA PHE A 69 -13.33 2.94 4.76
C PHE A 69 -14.08 1.71 5.24
N GLN A 70 -13.54 0.55 4.91
CA GLN A 70 -14.14 -0.70 5.28
C GLN A 70 -13.04 -1.70 5.57
N SER A 71 -13.11 -2.31 6.74
CA SER A 71 -12.12 -3.29 7.12
C SER A 71 -12.86 -4.59 7.42
N GLN A 72 -12.41 -5.66 6.77
CA GLN A 72 -13.03 -6.95 6.94
C GLN A 72 -11.94 -7.90 7.39
N PHE A 73 -12.23 -8.68 8.43
CA PHE A 73 -11.25 -9.60 8.96
C PHE A 73 -11.91 -10.68 9.81
N SER A 74 -11.16 -11.74 10.11
CA SER A 74 -11.68 -12.81 10.94
C SER A 74 -10.56 -13.25 11.86
N PHE A 75 -10.94 -13.66 13.07
CA PHE A 75 -9.96 -14.12 14.04
C PHE A 75 -10.58 -15.19 14.92
N SER A 76 -9.74 -15.90 15.65
CA SER A 76 -10.22 -16.93 16.57
C SER A 76 -9.38 -16.85 17.84
N LEU A 77 -10.00 -17.17 18.97
CA LEU A 77 -9.30 -17.13 20.26
C LEU A 77 -9.29 -18.55 20.80
N LYS A 78 -8.16 -18.96 21.36
CA LYS A 78 -8.06 -20.30 21.93
C LYS A 78 -7.36 -20.24 23.28
N SER A 79 -7.88 -21.00 24.23
CA SER A 79 -7.30 -21.01 25.56
C SER A 79 -7.66 -22.26 26.34
N PRO A 80 -6.65 -22.88 26.99
CA PRO A 80 -6.85 -24.09 27.79
C PRO A 80 -7.79 -23.78 28.95
N LEU A 81 -7.73 -22.54 29.42
CA LEU A 81 -8.59 -22.08 30.51
C LEU A 81 -9.91 -21.58 29.93
N SER A 82 -10.87 -21.28 30.81
CA SER A 82 -12.18 -20.81 30.38
C SER A 82 -12.32 -19.29 30.61
N ASN A 83 -11.28 -18.70 31.17
CA ASN A 83 -11.25 -17.26 31.46
C ASN A 83 -10.21 -16.58 30.57
N GLY A 84 -10.18 -16.93 29.29
CA GLY A 84 -9.21 -16.34 28.39
C GLY A 84 -9.17 -14.82 28.40
N ALA A 85 -7.97 -14.25 28.32
CA ALA A 85 -7.79 -12.79 28.30
C ALA A 85 -6.66 -12.44 27.35
N ASP A 86 -6.57 -11.17 26.90
CA ASP A 86 -7.49 -10.10 27.29
C ASP A 86 -8.36 -9.59 26.14
N GLY A 87 -8.00 -9.93 24.91
CA GLY A 87 -8.78 -9.49 23.78
C GLY A 87 -7.95 -8.97 22.62
N ILE A 88 -8.62 -8.79 21.49
CA ILE A 88 -7.98 -8.30 20.28
C ILE A 88 -8.69 -7.03 19.82
N ALA A 89 -7.98 -6.16 19.13
CA ALA A 89 -8.59 -4.93 18.68
C ALA A 89 -8.08 -4.43 17.33
N PHE A 90 -9.01 -3.93 16.54
CA PHE A 90 -8.67 -3.34 15.26
C PHE A 90 -8.50 -1.86 15.63
N PHE A 91 -7.41 -1.23 15.23
CA PHE A 91 -7.26 0.18 15.58
C PHE A 91 -6.69 1.03 14.46
N ILE A 92 -6.88 2.34 14.60
CA ILE A 92 -6.42 3.34 13.65
C ILE A 92 -5.70 4.36 14.52
N ALA A 93 -4.45 4.70 14.16
CA ALA A 93 -3.68 5.64 14.96
C ALA A 93 -2.65 6.36 14.11
N PRO A 94 -2.00 7.40 14.67
CA PRO A 94 -0.99 8.13 13.91
C PRO A 94 0.03 7.13 13.38
N PRO A 95 0.72 7.46 12.28
CA PRO A 95 1.72 6.59 11.67
C PRO A 95 2.88 6.11 12.55
N ASP A 96 3.34 6.93 13.48
CA ASP A 96 4.47 6.54 14.33
C ASP A 96 4.11 5.79 15.61
N THR A 97 2.85 5.42 15.76
CA THR A 97 2.39 4.71 16.95
C THR A 97 3.24 3.49 17.30
N THR A 98 3.45 3.28 18.60
CA THR A 98 4.21 2.15 19.13
C THR A 98 3.54 1.67 20.42
N ILE A 99 3.86 0.45 20.85
CA ILE A 99 3.28 -0.10 22.08
C ILE A 99 3.66 0.78 23.27
N PRO A 100 2.66 1.40 23.93
CA PRO A 100 2.92 2.25 25.09
C PRO A 100 3.48 1.46 26.27
N SER A 101 4.27 2.12 27.10
CA SER A 101 4.87 1.49 28.28
C SER A 101 3.81 0.98 29.24
N GLY A 102 3.85 -0.31 29.57
CA GLY A 102 2.89 -0.87 30.49
C GLY A 102 1.46 -0.96 29.98
N SER A 103 1.29 -1.20 28.68
CA SER A 103 -0.04 -1.30 28.09
C SER A 103 -0.52 -2.75 27.98
N GLY A 104 0.09 -3.64 28.75
CA GLY A 104 -0.31 -5.04 28.69
C GLY A 104 -1.67 -5.32 29.30
N GLY A 105 -2.03 -6.61 29.34
CA GLY A 105 -3.31 -7.00 29.91
C GLY A 105 -4.53 -6.26 29.38
N GLY A 106 -5.35 -5.77 30.31
CA GLY A 106 -6.56 -5.07 29.95
C GLY A 106 -6.44 -3.81 29.12
N LEU A 107 -5.23 -3.28 28.97
CA LEU A 107 -5.05 -2.07 28.17
C LEU A 107 -4.88 -2.43 26.69
N LEU A 108 -4.87 -3.73 26.42
CA LEU A 108 -4.78 -4.24 25.06
C LEU A 108 -3.61 -3.76 24.20
N GLY A 109 -2.59 -3.16 24.81
CA GLY A 109 -1.45 -2.69 24.05
C GLY A 109 -1.72 -1.39 23.30
N LEU A 110 -2.84 -0.77 23.63
CA LEU A 110 -3.23 0.48 22.99
C LEU A 110 -3.05 1.73 23.83
N PHE A 111 -3.22 1.61 25.15
CA PHE A 111 -3.09 2.78 26.01
C PHE A 111 -2.07 2.63 27.13
N ALA A 112 -1.57 3.77 27.62
CA ALA A 112 -0.61 3.79 28.71
C ALA A 112 -1.46 3.83 29.99
N PRO A 113 -1.00 3.17 31.07
CA PRO A 113 -1.75 3.15 32.32
C PRO A 113 -2.19 4.52 32.83
N GLY A 114 -1.26 5.45 32.88
CA GLY A 114 -1.57 6.78 33.37
C GLY A 114 -2.56 7.62 32.59
N THR A 115 -2.76 7.32 31.31
CA THR A 115 -3.67 8.12 30.49
C THR A 115 -4.72 7.31 29.75
N ALA A 116 -4.90 6.06 30.16
CA ALA A 116 -5.86 5.16 29.53
C ALA A 116 -7.27 5.72 29.41
N GLN A 117 -7.70 6.55 30.37
CA GLN A 117 -9.04 7.10 30.31
C GLN A 117 -9.09 8.61 30.09
N ASN A 118 -7.95 9.17 29.70
CA ASN A 118 -7.86 10.60 29.43
C ASN A 118 -8.02 10.81 27.91
N THR A 119 -9.22 11.13 27.47
CA THR A 119 -9.48 11.31 26.05
C THR A 119 -8.59 12.33 25.38
N SER A 120 -8.38 13.47 26.03
CA SER A 120 -7.56 14.51 25.44
C SER A 120 -6.07 14.19 25.37
N ALA A 121 -5.68 13.00 25.84
CA ALA A 121 -4.28 12.61 25.81
C ALA A 121 -3.97 11.51 24.79
N ASN A 122 -5.00 10.97 24.16
CA ASN A 122 -4.80 9.90 23.19
C ASN A 122 -5.32 10.25 21.79
N GLN A 123 -4.81 9.53 20.80
CA GLN A 123 -5.23 9.68 19.41
C GLN A 123 -5.38 8.28 18.85
N VAL A 124 -6.54 7.67 19.08
CA VAL A 124 -6.75 6.33 18.60
C VAL A 124 -8.21 5.99 18.56
N ILE A 125 -8.58 5.21 17.55
CA ILE A 125 -9.94 4.72 17.41
C ILE A 125 -9.74 3.23 17.27
N ALA A 126 -10.48 2.45 18.05
CA ALA A 126 -10.33 1.01 18.00
C ALA A 126 -11.63 0.28 18.22
N VAL A 127 -11.72 -0.91 17.66
CA VAL A 127 -12.88 -1.77 17.83
C VAL A 127 -12.30 -2.93 18.59
N GLU A 128 -12.70 -3.05 19.86
CA GLU A 128 -12.17 -4.10 20.71
C GLU A 128 -13.12 -5.28 20.89
N PHE A 129 -12.54 -6.45 21.08
CA PHE A 129 -13.28 -7.68 21.32
C PHE A 129 -12.65 -8.10 22.64
N ASP A 130 -13.31 -7.67 23.72
CA ASP A 130 -12.86 -7.84 25.09
C ASP A 130 -13.46 -9.05 25.79
N THR A 131 -12.60 -9.98 26.22
CA THR A 131 -13.06 -11.20 26.89
C THR A 131 -12.81 -11.24 28.40
N PHE A 132 -12.15 -10.23 28.95
CA PHE A 132 -11.88 -10.23 30.38
C PHE A 132 -12.39 -8.93 30.98
N TYR A 133 -13.17 -9.04 32.04
CA TYR A 133 -13.77 -7.86 32.66
C TYR A 133 -13.77 -7.80 34.19
N ALA A 134 -12.89 -8.56 34.85
CA ALA A 134 -12.83 -8.51 36.31
C ALA A 134 -12.78 -7.04 36.73
N GLN A 135 -13.72 -6.63 37.57
CA GLN A 135 -13.83 -5.25 38.02
C GLN A 135 -12.68 -4.69 38.86
N ASP A 136 -11.82 -5.56 39.38
CA ASP A 136 -10.71 -5.09 40.19
C ASP A 136 -9.59 -4.53 39.29
N SER A 137 -9.33 -5.20 38.18
CA SER A 137 -8.28 -4.78 37.25
C SER A 137 -8.83 -3.99 36.06
N ASN A 138 -9.96 -4.42 35.51
CA ASN A 138 -10.58 -3.72 34.37
C ASN A 138 -11.80 -2.94 34.87
N THR A 139 -11.58 -1.98 35.76
CA THR A 139 -12.67 -1.21 36.35
C THR A 139 -13.54 -0.45 35.36
N TRP A 140 -13.01 -0.23 34.15
CA TRP A 140 -13.73 0.51 33.12
C TRP A 140 -14.69 -0.35 32.29
N ASP A 141 -14.60 -1.67 32.41
CA ASP A 141 -15.46 -2.57 31.63
C ASP A 141 -16.83 -2.91 32.18
N PRO A 142 -17.79 -3.20 31.27
CA PRO A 142 -19.14 -3.58 31.67
C PRO A 142 -18.87 -4.97 32.24
N ASN A 143 -19.78 -5.51 33.04
CA ASN A 143 -19.55 -6.81 33.68
C ASN A 143 -19.90 -8.04 32.84
N TYR A 144 -19.29 -8.14 31.65
CA TYR A 144 -19.51 -9.27 30.74
C TYR A 144 -18.66 -9.11 29.47
N PRO A 145 -18.43 -10.22 28.74
CA PRO A 145 -17.62 -10.13 27.52
C PRO A 145 -18.33 -9.16 26.59
N HIS A 146 -17.55 -8.42 25.79
CA HIS A 146 -18.17 -7.44 24.93
C HIS A 146 -17.33 -6.98 23.75
N ILE A 147 -18.01 -6.34 22.82
CA ILE A 147 -17.36 -5.73 21.66
C ILE A 147 -17.56 -4.25 21.94
N GLY A 148 -16.50 -3.46 21.80
CA GLY A 148 -16.64 -2.05 22.08
C GLY A 148 -15.95 -1.16 21.08
N ILE A 149 -16.43 0.08 21.01
CA ILE A 149 -15.86 1.09 20.14
C ILE A 149 -15.12 2.00 21.11
N ASP A 150 -13.81 2.12 20.93
CA ASP A 150 -12.98 2.95 21.79
C ASP A 150 -12.52 4.20 21.06
N VAL A 151 -12.82 5.36 21.63
CA VAL A 151 -12.39 6.61 21.03
C VAL A 151 -11.56 7.36 22.07
N ASN A 152 -10.24 7.24 21.90
CA ASN A 152 -9.26 7.88 22.78
C ASN A 152 -9.29 7.43 24.24
N SER A 153 -9.94 6.30 24.51
CA SER A 153 -10.01 5.81 25.88
C SER A 153 -10.28 4.31 25.93
N ILE A 154 -9.80 3.66 26.97
CA ILE A 154 -10.00 2.24 27.12
C ILE A 154 -11.45 1.99 27.54
N ARG A 155 -12.11 3.03 28.03
CA ARG A 155 -13.51 2.93 28.44
C ARG A 155 -14.36 3.21 27.20
N SER A 156 -14.82 2.14 26.56
CA SER A 156 -15.60 2.24 25.34
C SER A 156 -16.74 3.24 25.42
N VAL A 157 -16.97 3.97 24.32
CA VAL A 157 -18.05 4.93 24.29
C VAL A 157 -19.34 4.17 23.98
N LYS A 158 -19.19 2.96 23.46
CA LYS A 158 -20.35 2.14 23.12
C LYS A 158 -19.93 0.67 23.14
N THR A 159 -20.80 -0.20 23.67
CA THR A 159 -20.50 -1.62 23.71
C THR A 159 -21.75 -2.45 23.50
N VAL A 160 -21.54 -3.73 23.18
CA VAL A 160 -22.64 -4.66 23.01
C VAL A 160 -22.17 -5.97 23.64
N LYS A 161 -23.05 -6.66 24.36
CA LYS A 161 -22.68 -7.92 24.97
C LYS A 161 -22.25 -8.89 23.88
N TRP A 162 -21.19 -9.63 24.14
CA TRP A 162 -20.64 -10.57 23.17
C TRP A 162 -20.33 -11.94 23.78
N ASP A 163 -20.38 -12.98 22.95
CA ASP A 163 -20.10 -14.34 23.41
C ASP A 163 -18.77 -14.84 22.87
N ARG A 164 -17.88 -15.22 23.77
CA ARG A 164 -16.57 -15.75 23.38
C ARG A 164 -16.73 -17.24 23.12
N ARG A 165 -16.30 -17.70 21.94
CA ARG A 165 -16.38 -19.12 21.61
C ARG A 165 -14.98 -19.62 21.31
N ASP A 166 -14.43 -20.41 22.23
CA ASP A 166 -13.09 -20.94 22.08
C ASP A 166 -12.91 -21.66 20.76
N GLY A 167 -11.85 -21.31 20.04
CA GLY A 167 -11.55 -21.96 18.77
C GLY A 167 -12.44 -21.67 17.57
N GLN A 168 -13.39 -20.74 17.68
CA GLN A 168 -14.24 -20.43 16.54
C GLN A 168 -13.95 -19.06 15.96
N SER A 169 -13.89 -19.01 14.63
CA SER A 169 -13.62 -17.78 13.91
C SER A 169 -14.77 -16.80 13.91
N LEU A 170 -14.45 -15.54 14.18
CA LEU A 170 -15.44 -14.48 14.19
C LEU A 170 -15.18 -13.65 12.95
N ASN A 171 -16.19 -13.50 12.10
CA ASN A 171 -16.06 -12.70 10.88
C ASN A 171 -16.50 -11.29 11.23
N VAL A 172 -15.65 -10.31 10.95
CA VAL A 172 -15.98 -8.94 11.28
C VAL A 172 -15.90 -7.96 10.13
N LEU A 173 -16.87 -7.05 10.09
CA LEU A 173 -16.92 -6.02 9.08
C LEU A 173 -17.04 -4.70 9.82
N VAL A 174 -16.07 -3.81 9.59
CA VAL A 174 -16.08 -2.49 10.21
C VAL A 174 -16.14 -1.49 9.07
N THR A 175 -17.10 -0.57 9.14
CA THR A 175 -17.27 0.43 8.10
C THR A 175 -17.44 1.84 8.66
N PHE A 176 -16.88 2.81 7.96
CA PHE A 176 -17.04 4.19 8.36
C PHE A 176 -17.61 4.94 7.17
N ASN A 177 -18.77 5.55 7.36
CA ASN A 177 -19.43 6.32 6.33
C ASN A 177 -19.23 7.80 6.68
N PRO A 178 -18.39 8.53 5.92
CA PRO A 178 -18.15 9.95 6.20
C PRO A 178 -19.39 10.83 6.04
N SER A 179 -20.33 10.37 5.21
CA SER A 179 -21.54 11.12 4.96
C SER A 179 -22.39 11.21 6.23
N THR A 180 -22.53 10.09 6.94
CA THR A 180 -23.32 10.04 8.17
C THR A 180 -22.44 10.06 9.41
N ARG A 181 -21.16 9.78 9.23
CA ARG A 181 -20.18 9.73 10.31
C ARG A 181 -20.37 8.51 11.21
N ASN A 182 -21.09 7.51 10.72
CA ASN A 182 -21.30 6.31 11.51
C ASN A 182 -20.20 5.29 11.31
N LEU A 183 -19.65 4.81 12.43
CA LEU A 183 -18.64 3.77 12.42
C LEU A 183 -19.48 2.55 12.77
N ASP A 184 -19.67 1.63 11.82
CA ASP A 184 -20.48 0.44 12.07
C ASP A 184 -19.67 -0.84 12.20
N VAL A 185 -20.04 -1.67 13.16
CA VAL A 185 -19.37 -2.94 13.37
C VAL A 185 -20.38 -4.08 13.32
N VAL A 186 -20.10 -5.07 12.48
CA VAL A 186 -20.97 -6.23 12.36
C VAL A 186 -20.06 -7.45 12.50
N ALA A 187 -20.37 -8.30 13.48
CA ALA A 187 -19.58 -9.50 13.73
C ALA A 187 -20.49 -10.72 13.76
N THR A 188 -20.07 -11.79 13.11
CA THR A 188 -20.89 -12.99 13.06
C THR A 188 -20.09 -14.27 13.14
N TYR A 189 -20.67 -15.29 13.75
CA TYR A 189 -20.04 -16.60 13.81
C TYR A 189 -20.64 -17.34 12.63
N SER A 190 -20.01 -18.44 12.21
CA SER A 190 -20.50 -19.17 11.03
C SER A 190 -21.93 -19.68 11.11
N ASP A 191 -22.46 -19.84 12.33
CA ASP A 191 -23.81 -20.33 12.49
C ASP A 191 -24.83 -19.21 12.32
N GLY A 192 -24.34 -18.01 12.04
CA GLY A 192 -25.24 -16.88 11.86
C GLY A 192 -25.42 -15.97 13.07
N THR A 193 -24.87 -16.34 14.23
CA THR A 193 -25.02 -15.50 15.40
C THR A 193 -24.38 -14.14 15.06
N ARG A 194 -25.19 -13.10 15.14
CA ARG A 194 -24.77 -11.75 14.75
C ARG A 194 -24.69 -10.73 15.89
N TYR A 195 -23.67 -9.87 15.86
CA TYR A 195 -23.52 -8.83 16.87
C TYR A 195 -23.32 -7.49 16.17
N GLU A 196 -24.00 -6.47 16.65
CA GLU A 196 -23.89 -5.16 16.02
C GLU A 196 -23.75 -4.03 17.02
N VAL A 197 -22.85 -3.11 16.73
CA VAL A 197 -22.64 -1.94 17.56
C VAL A 197 -22.20 -0.84 16.62
N SER A 198 -22.72 0.35 16.85
CA SER A 198 -22.42 1.49 16.01
C SER A 198 -22.21 2.73 16.84
N TYR A 199 -21.59 3.74 16.24
CA TYR A 199 -21.34 4.98 16.92
C TYR A 199 -20.96 6.10 15.95
N GLU A 200 -21.48 7.29 16.23
CA GLU A 200 -21.21 8.42 15.38
C GLU A 200 -19.95 9.14 15.86
N VAL A 201 -18.98 9.30 14.96
CA VAL A 201 -17.73 9.96 15.34
C VAL A 201 -17.12 10.72 14.17
N ASP A 202 -16.71 11.96 14.44
CA ASP A 202 -16.08 12.79 13.43
C ASP A 202 -14.59 12.49 13.53
N VAL A 203 -14.10 11.65 12.61
CA VAL A 203 -12.70 11.25 12.64
C VAL A 203 -11.71 12.40 12.51
N ARG A 204 -12.14 13.50 11.90
CA ARG A 204 -11.25 14.65 11.72
C ARG A 204 -10.87 15.29 13.04
N SER A 205 -11.72 15.14 14.05
CA SER A 205 -11.47 15.72 15.37
C SER A 205 -10.66 14.80 16.26
N VAL A 206 -10.46 13.56 15.82
CA VAL A 206 -9.73 12.59 16.62
C VAL A 206 -8.37 12.17 16.09
N LEU A 207 -8.26 12.01 14.78
CA LEU A 207 -7.02 11.57 14.16
C LEU A 207 -6.45 12.55 13.13
N PRO A 208 -5.15 12.46 12.88
CA PRO A 208 -4.49 13.33 11.91
C PRO A 208 -4.94 12.90 10.51
N GLU A 209 -4.57 13.66 9.50
CA GLU A 209 -4.93 13.35 8.11
C GLU A 209 -4.41 12.00 7.63
N TRP A 210 -3.18 11.65 8.00
CA TRP A 210 -2.62 10.38 7.60
C TRP A 210 -2.47 9.49 8.82
N VAL A 211 -2.89 8.24 8.68
CA VAL A 211 -2.83 7.28 9.77
C VAL A 211 -2.34 5.93 9.28
N ARG A 212 -2.23 4.99 10.22
CA ARG A 212 -1.89 3.62 9.92
C ARG A 212 -2.95 2.78 10.60
N VAL A 213 -3.29 1.64 9.99
CA VAL A 213 -4.31 0.78 10.56
C VAL A 213 -3.70 -0.58 10.88
N GLY A 214 -4.25 -1.25 11.88
CA GLY A 214 -3.74 -2.54 12.26
C GLY A 214 -4.51 -3.23 13.37
N PHE A 215 -3.84 -4.16 14.04
CA PHE A 215 -4.45 -4.91 15.13
C PHE A 215 -3.53 -4.97 16.32
N SER A 216 -4.13 -5.14 17.50
CA SER A 216 -3.37 -5.23 18.73
C SER A 216 -4.05 -6.26 19.62
N ALA A 217 -3.26 -6.96 20.42
CA ALA A 217 -3.78 -7.96 21.33
C ALA A 217 -2.83 -8.08 22.50
N ALA A 218 -3.33 -8.63 23.61
CA ALA A 218 -2.52 -8.79 24.81
C ALA A 218 -3.13 -9.77 25.79
N SER A 219 -2.30 -10.27 26.68
CA SER A 219 -2.71 -11.20 27.74
C SER A 219 -1.90 -10.84 28.97
N GLY A 220 -2.57 -10.69 30.10
CA GLY A 220 -1.88 -10.38 31.35
C GLY A 220 -1.72 -11.68 32.10
N GLU A 221 -2.30 -11.78 33.29
CA GLU A 221 -2.18 -13.03 34.06
C GLU A 221 -3.00 -14.11 33.39
N GLN A 222 -4.13 -13.71 32.80
CA GLN A 222 -5.00 -14.64 32.09
C GLN A 222 -4.56 -14.59 30.63
N TYR A 223 -4.69 -15.69 29.91
CA TYR A 223 -4.23 -15.75 28.54
C TYR A 223 -5.06 -16.56 27.55
N GLN A 224 -4.79 -16.31 26.27
CA GLN A 224 -5.46 -16.99 25.16
C GLN A 224 -4.73 -16.54 23.92
N THR A 225 -4.80 -17.34 22.87
CA THR A 225 -4.17 -16.97 21.62
C THR A 225 -5.07 -15.95 20.93
N HIS A 226 -4.48 -15.05 20.16
CA HIS A 226 -5.24 -14.08 19.40
C HIS A 226 -4.74 -14.27 17.98
N THR A 227 -5.46 -15.10 17.23
CA THR A 227 -5.09 -15.45 15.87
C THR A 227 -5.84 -14.70 14.78
N LEU A 228 -5.16 -13.77 14.11
CA LEU A 228 -5.75 -13.01 13.01
C LEU A 228 -5.56 -13.89 11.78
N GLU A 229 -6.67 -14.33 11.20
CA GLU A 229 -6.65 -15.23 10.04
C GLU A 229 -6.70 -14.62 8.66
N SER A 230 -7.47 -13.55 8.51
CA SER A 230 -7.60 -12.88 7.21
C SER A 230 -7.91 -11.41 7.47
N TRP A 231 -7.58 -10.56 6.50
CA TRP A 231 -7.80 -9.14 6.64
C TRP A 231 -7.85 -8.45 5.28
N SER A 232 -8.90 -7.66 5.08
CA SER A 232 -9.08 -6.91 3.85
C SER A 232 -9.41 -5.48 4.24
N PHE A 233 -8.85 -4.53 3.51
CA PHE A 233 -9.07 -3.13 3.82
C PHE A 233 -9.15 -2.25 2.57
N THR A 234 -10.03 -1.26 2.61
CA THR A 234 -10.18 -0.35 1.51
C THR A 234 -10.69 0.99 2.01
N SER A 235 -10.11 2.08 1.52
CA SER A 235 -10.54 3.43 1.88
C SER A 235 -10.51 4.32 0.64
N THR A 236 -11.45 5.25 0.56
CA THR A 236 -11.56 6.16 -0.56
C THR A 236 -11.96 7.53 -0.04
N LEU A 237 -11.23 8.57 -0.41
CA LEU A 237 -11.59 9.92 0.01
C LEU A 237 -12.84 10.38 -0.74
N LEU A 238 -13.78 10.99 -0.04
CA LEU A 238 -15.02 11.45 -0.66
C LEU A 238 -15.49 12.81 -0.14
N TYR A 239 -16.24 13.52 -0.98
CA TYR A 239 -16.79 14.82 -0.62
C TYR A 239 -18.16 14.55 0.00
N THR A 240 -18.48 15.28 1.07
CA THR A 240 -19.77 15.09 1.74
C THR A 240 -20.65 16.33 1.58
N ALA A 241 -21.95 16.10 1.42
N PCA B 1 0.28 -9.02 1.02
CA PCA B 1 -1.12 -9.14 0.53
CB PCA B 1 -1.72 -7.73 0.57
CG PCA B 1 -0.56 -6.79 0.62
CD PCA B 1 0.62 -7.57 1.15
OE PCA B 1 1.69 -7.01 1.35
C PCA B 1 -1.19 -9.71 -0.88
O PCA B 1 -0.34 -9.40 -1.72
N ASP B 2 -2.19 -10.54 -1.12
CA ASP B 2 -2.41 -11.16 -2.42
C ASP B 2 -2.88 -10.11 -3.42
N SER B 3 -3.53 -9.06 -2.92
CA SER B 3 -4.02 -7.99 -3.78
C SER B 3 -3.72 -6.63 -3.20
N LEU B 4 -3.32 -5.71 -4.06
CA LEU B 4 -2.98 -4.36 -3.65
C LEU B 4 -3.47 -3.41 -4.72
N SER B 5 -4.00 -2.28 -4.29
CA SER B 5 -4.52 -1.30 -5.23
C SER B 5 -4.42 0.11 -4.67
N PHE B 6 -4.14 1.07 -5.54
CA PHE B 6 -4.04 2.45 -5.12
C PHE B 6 -4.25 3.37 -6.30
N GLY B 7 -4.76 4.57 -6.03
CA GLY B 7 -4.99 5.52 -7.11
C GLY B 7 -4.68 6.95 -6.75
N PHE B 8 -4.01 7.62 -7.67
CA PHE B 8 -3.65 9.03 -7.50
C PHE B 8 -4.34 9.82 -8.62
N PRO B 9 -5.56 10.31 -8.38
CA PRO B 9 -6.22 11.08 -9.45
C PRO B 9 -5.37 12.31 -9.78
N THR B 10 -4.65 12.81 -8.77
CA THR B 10 -3.74 13.95 -8.89
C THR B 10 -2.67 13.71 -7.83
N PHE B 11 -1.67 14.57 -7.76
CA PHE B 11 -0.57 14.42 -6.80
C PHE B 11 -0.35 15.60 -5.86
N PRO B 12 -1.13 15.69 -4.77
CA PRO B 12 -0.99 16.79 -3.83
C PRO B 12 0.42 16.79 -3.23
N SER B 13 0.89 17.96 -2.82
CA SER B 13 2.24 18.08 -2.25
C SER B 13 2.48 17.24 -1.00
N ASP B 14 1.41 16.91 -0.28
CA ASP B 14 1.52 16.14 0.95
C ASP B 14 1.51 14.61 0.76
N GLN B 15 2.63 14.06 0.28
CA GLN B 15 2.74 12.62 0.04
C GLN B 15 3.45 11.84 1.15
N LYS B 16 2.98 10.62 1.41
CA LYS B 16 3.58 9.79 2.44
C LYS B 16 4.03 8.43 1.90
N ASN B 17 3.37 7.94 0.86
CA ASN B 17 3.73 6.63 0.33
C ASN B 17 4.54 6.59 -0.96
N LEU B 18 5.20 7.68 -1.30
CA LEU B 18 6.03 7.70 -2.49
C LEU B 18 7.50 7.83 -2.12
N ILE B 19 8.34 7.09 -2.80
CA ILE B 19 9.78 7.16 -2.57
C ILE B 19 10.31 8.01 -3.72
N PHE B 20 10.85 9.17 -3.39
CA PHE B 20 11.39 10.07 -4.41
C PHE B 20 12.87 9.81 -4.56
N GLN B 21 13.34 9.71 -5.80
CA GLN B 21 14.74 9.49 -6.06
C GLN B 21 15.20 10.50 -7.08
N GLY B 22 16.47 10.92 -7.00
CA GLY B 22 16.97 11.88 -7.96
C GLY B 22 16.32 13.24 -7.80
N ASP B 23 15.99 13.88 -8.92
CA ASP B 23 15.38 15.21 -8.89
C ASP B 23 13.86 15.21 -8.84
N ALA B 24 13.26 14.03 -8.83
CA ALA B 24 11.81 13.93 -8.81
C ALA B 24 11.20 14.69 -7.63
N GLN B 25 10.12 15.40 -7.90
CA GLN B 25 9.42 16.13 -6.85
C GLN B 25 8.06 16.60 -7.35
N ILE B 26 7.17 16.88 -6.42
CA ILE B 26 5.83 17.31 -6.76
C ILE B 26 5.69 18.83 -6.90
N LYS B 27 5.07 19.25 -7.99
CA LYS B 27 4.83 20.66 -8.25
C LYS B 27 3.50 20.77 -8.97
N ASN B 28 2.65 21.64 -8.46
CA ASN B 28 1.33 21.86 -9.03
C ASN B 28 0.50 20.58 -9.22
N ASN B 29 0.32 19.84 -8.13
CA ASN B 29 -0.47 18.61 -8.14
C ASN B 29 -0.05 17.56 -9.15
N ALA B 30 1.21 17.61 -9.57
CA ALA B 30 1.74 16.64 -10.51
C ALA B 30 3.17 16.32 -10.12
N VAL B 31 3.65 15.17 -10.56
CA VAL B 31 5.02 14.78 -10.27
C VAL B 31 5.92 15.24 -11.42
N GLN B 32 6.91 16.06 -11.10
CA GLN B 32 7.86 16.50 -12.11
C GLN B 32 9.03 15.57 -11.88
N LEU B 33 9.18 14.57 -12.76
CA LEU B 33 10.25 13.60 -12.61
C LEU B 33 11.62 14.22 -12.83
N THR B 34 11.74 15.10 -13.83
CA THR B 34 12.99 15.76 -14.10
C THR B 34 12.98 17.19 -13.59
N LYS B 35 14.14 17.69 -13.21
CA LYS B 35 14.28 19.04 -12.65
C LYS B 35 13.88 20.18 -13.58
N THR B 36 13.28 21.20 -12.99
CA THR B 36 12.86 22.40 -13.72
C THR B 36 13.32 23.62 -12.93
N ASP B 37 13.63 24.71 -13.61
CA ASP B 37 14.08 25.92 -12.92
C ASP B 37 12.91 26.61 -12.19
N SER B 38 13.17 27.81 -11.69
CA SER B 38 12.16 28.58 -10.97
C SER B 38 10.95 28.93 -11.84
N ASN B 39 11.18 29.02 -13.15
CA ASN B 39 10.12 29.35 -14.10
C ASN B 39 9.34 28.12 -14.55
N GLY B 40 9.73 26.95 -14.06
CA GLY B 40 9.05 25.72 -14.44
C GLY B 40 9.53 25.19 -15.77
N ASN B 41 10.67 25.71 -16.22
CA ASN B 41 11.27 25.30 -17.49
C ASN B 41 12.27 24.18 -17.26
N PRO B 42 12.32 23.21 -18.18
CA PRO B 42 13.21 22.05 -18.12
C PRO B 42 14.68 22.42 -18.29
N VAL B 43 15.55 21.68 -17.59
CA VAL B 43 16.99 21.90 -17.65
C VAL B 43 17.67 20.58 -18.02
N ALA B 44 18.92 20.68 -18.49
CA ALA B 44 19.69 19.52 -18.88
C ALA B 44 20.28 18.75 -17.68
N SER B 45 20.82 17.57 -17.94
CA SER B 45 21.45 16.74 -16.92
C SER B 45 20.62 16.51 -15.67
N THR B 46 19.50 15.82 -15.82
CA THR B 46 18.63 15.54 -14.68
C THR B 46 17.98 14.17 -14.80
N VAL B 47 17.83 13.51 -13.66
CA VAL B 47 17.21 12.19 -13.59
C VAL B 47 16.34 12.17 -12.35
N GLY B 48 15.22 11.45 -12.43
CA GLY B 48 14.33 11.36 -11.28
C GLY B 48 13.42 10.16 -11.40
N ARG B 49 13.04 9.58 -10.27
CA ARG B 49 12.16 8.42 -10.27
C ARG B 49 11.32 8.44 -9.00
N ILE B 50 10.17 7.78 -9.04
CA ILE B 50 9.31 7.65 -7.87
C ILE B 50 8.89 6.18 -7.85
N LEU B 51 8.66 5.67 -6.65
CA LEU B 51 8.26 4.29 -6.46
C LEU B 51 7.19 4.30 -5.39
N PHE B 52 6.19 3.43 -5.49
CA PHE B 52 5.17 3.38 -4.45
C PHE B 52 5.88 2.63 -3.33
N SER B 53 5.74 3.10 -2.09
CA SER B 53 6.41 2.48 -0.95
C SER B 53 6.09 1.01 -0.69
N ALA B 54 4.81 0.64 -0.73
CA ALA B 54 4.42 -0.75 -0.50
C ALA B 54 4.92 -1.68 -1.60
N GLN B 55 5.45 -2.83 -1.21
CA GLN B 55 5.96 -3.79 -2.19
C GLN B 55 4.81 -4.58 -2.77
N VAL B 56 4.92 -4.92 -4.05
CA VAL B 56 3.89 -5.67 -4.75
C VAL B 56 4.29 -7.13 -4.84
N HIS B 57 3.35 -8.02 -4.55
CA HIS B 57 3.65 -9.45 -4.62
C HIS B 57 3.33 -9.85 -6.06
N LEU B 58 4.37 -9.87 -6.90
CA LEU B 58 4.22 -10.18 -8.31
C LEU B 58 3.91 -11.65 -8.59
N TRP B 59 4.61 -12.54 -7.89
CA TRP B 59 4.35 -13.96 -8.04
C TRP B 59 4.76 -14.70 -6.78
N GLU B 60 4.27 -15.93 -6.62
CA GLU B 60 4.56 -16.70 -5.43
C GLU B 60 4.96 -18.13 -5.80
N LYS B 61 6.23 -18.45 -5.55
CA LYS B 61 6.76 -19.77 -5.88
C LYS B 61 6.01 -20.93 -5.23
N SER B 62 5.78 -20.83 -3.93
CA SER B 62 5.10 -21.89 -3.19
C SER B 62 3.68 -22.23 -3.63
N SER B 63 2.98 -21.31 -4.29
CA SER B 63 1.61 -21.57 -4.71
C SER B 63 1.35 -21.53 -6.21
N SER B 64 2.42 -21.39 -6.99
CA SER B 64 2.30 -21.35 -8.45
C SER B 64 1.36 -20.24 -8.96
N ARG B 65 1.30 -19.13 -8.23
CA ARG B 65 0.46 -18.03 -8.63
C ARG B 65 1.28 -16.87 -9.19
N VAL B 66 0.69 -16.15 -10.14
CA VAL B 66 1.34 -15.00 -10.74
C VAL B 66 0.28 -13.90 -10.78
N ALA B 67 0.72 -12.68 -10.51
CA ALA B 67 -0.20 -11.57 -10.47
C ALA B 67 -0.71 -11.04 -11.79
N ASN B 68 -1.97 -10.64 -11.77
CA ASN B 68 -2.61 -10.00 -12.90
C ASN B 68 -2.58 -8.55 -12.43
N PHE B 69 -1.96 -7.64 -13.19
CA PHE B 69 -1.94 -6.25 -12.75
C PHE B 69 -2.26 -5.29 -13.88
N GLN B 70 -2.65 -4.08 -13.48
CA GLN B 70 -2.98 -3.05 -14.45
C GLN B 70 -2.46 -1.72 -13.91
N SER B 71 -1.90 -0.92 -14.79
CA SER B 71 -1.38 0.38 -14.42
C SER B 71 -1.91 1.37 -15.44
N GLN B 72 -2.69 2.33 -14.97
CA GLN B 72 -3.27 3.35 -15.83
C GLN B 72 -2.62 4.64 -15.39
N PHE B 73 -2.07 5.40 -16.34
CA PHE B 73 -1.45 6.64 -15.96
C PHE B 73 -1.49 7.67 -17.08
N SER B 74 -1.21 8.92 -16.72
CA SER B 74 -1.26 10.02 -17.65
C SER B 74 -0.04 10.91 -17.46
N PHE B 75 0.55 11.36 -18.57
CA PHE B 75 1.69 12.26 -18.48
C PHE B 75 1.74 13.21 -19.68
N SER B 76 2.58 14.23 -19.56
CA SER B 76 2.74 15.20 -20.63
C SER B 76 4.20 15.62 -20.66
N LEU B 77 4.71 15.90 -21.86
CA LEU B 77 6.09 16.30 -22.04
C LEU B 77 6.10 17.70 -22.64
N LYS B 78 7.02 18.55 -22.23
CA LYS B 78 7.04 19.90 -22.77
C LYS B 78 8.47 20.40 -22.90
N SER B 79 8.77 21.02 -24.04
CA SER B 79 10.11 21.55 -24.27
C SER B 79 10.14 22.59 -25.40
N PRO B 80 10.87 23.69 -25.18
CA PRO B 80 10.97 24.73 -26.21
C PRO B 80 11.86 24.25 -27.35
N LEU B 81 12.56 23.15 -27.12
CA LEU B 81 13.46 22.58 -28.12
C LEU B 81 12.70 21.75 -29.13
N SER B 82 13.30 21.57 -30.30
CA SER B 82 12.69 20.77 -31.36
C SER B 82 12.99 19.30 -31.12
N ASN B 83 13.94 19.02 -30.23
CA ASN B 83 14.34 17.64 -29.93
C ASN B 83 14.41 17.34 -28.44
N GLY B 84 13.28 17.53 -27.75
CA GLY B 84 13.22 17.26 -26.32
C GLY B 84 13.61 15.82 -26.02
N ALA B 85 14.33 15.62 -24.92
CA ALA B 85 14.80 14.30 -24.50
C ALA B 85 14.71 14.18 -22.99
N ASP B 86 14.83 12.95 -22.45
CA ASP B 86 15.04 11.72 -23.20
C ASP B 86 13.85 10.78 -23.20
N GLY B 87 12.95 10.96 -22.24
CA GLY B 87 11.78 10.11 -22.18
C GLY B 87 11.41 9.74 -20.76
N ILE B 88 10.26 9.10 -20.62
CA ILE B 88 9.75 8.68 -19.33
C ILE B 88 9.42 7.18 -19.42
N ALA B 89 9.52 6.48 -18.31
CA ALA B 89 9.20 5.06 -18.32
C ALA B 89 8.52 4.58 -17.06
N PHE B 90 7.59 3.65 -17.23
CA PHE B 90 6.89 3.02 -16.12
C PHE B 90 7.73 1.76 -15.95
N PHE B 91 8.16 1.44 -14.74
CA PHE B 91 8.96 0.24 -14.58
C PHE B 91 8.65 -0.57 -13.34
N ILE B 92 9.14 -1.81 -13.37
CA ILE B 92 8.97 -2.77 -12.28
C ILE B 92 10.37 -3.29 -12.01
N ALA B 93 10.77 -3.27 -10.75
CA ALA B 93 12.11 -3.70 -10.39
C ALA B 93 12.18 -4.21 -8.95
N PRO B 94 13.33 -4.78 -8.54
CA PRO B 94 13.47 -5.28 -7.17
C PRO B 94 13.20 -4.12 -6.22
N PRO B 95 12.70 -4.42 -5.00
CA PRO B 95 12.38 -3.41 -3.99
C PRO B 95 13.48 -2.41 -3.63
N ASP B 96 14.73 -2.86 -3.69
CA ASP B 96 15.86 -2.02 -3.34
C ASP B 96 16.46 -1.22 -4.50
N THR B 97 15.76 -1.17 -5.62
CA THR B 97 16.28 -0.44 -6.78
C THR B 97 16.55 1.03 -6.51
N THR B 98 17.66 1.52 -7.04
CA THR B 98 18.06 2.92 -6.90
C THR B 98 18.59 3.37 -8.26
N ILE B 99 18.75 4.68 -8.43
CA ILE B 99 19.25 5.20 -9.69
C ILE B 99 20.68 4.74 -9.91
N PRO B 100 20.93 3.99 -11.00
CA PRO B 100 22.28 3.49 -11.32
C PRO B 100 23.22 4.64 -11.67
N SER B 101 24.48 4.51 -11.26
CA SER B 101 25.47 5.54 -11.55
C SER B 101 25.63 5.71 -13.07
N GLY B 102 25.56 6.94 -13.54
CA GLY B 102 25.69 7.22 -14.96
C GLY B 102 24.54 6.78 -15.85
N SER B 103 23.36 6.60 -15.25
CA SER B 103 22.20 6.14 -16.00
C SER B 103 21.39 7.28 -16.64
N GLY B 104 21.99 8.46 -16.71
CA GLY B 104 21.29 9.59 -17.29
C GLY B 104 21.04 9.53 -18.77
N GLY B 105 20.52 10.63 -19.32
CA GLY B 105 20.26 10.71 -20.75
C GLY B 105 19.46 9.55 -21.33
N GLY B 106 19.97 8.99 -22.43
CA GLY B 106 19.29 7.88 -23.09
C GLY B 106 19.10 6.62 -22.28
N LEU B 107 19.75 6.50 -21.12
CA LEU B 107 19.59 5.30 -20.31
C LEU B 107 18.37 5.41 -19.39
N LEU B 108 17.68 6.55 -19.48
CA LEU B 108 16.45 6.80 -18.73
C LEU B 108 16.46 6.58 -17.22
N GLY B 109 17.63 6.63 -16.61
CA GLY B 109 17.73 6.43 -15.17
C GLY B 109 17.44 4.99 -14.76
N LEU B 110 17.43 4.08 -15.73
CA LEU B 110 17.15 2.68 -15.47
C LEU B 110 18.36 1.73 -15.58
N PHE B 111 19.31 2.06 -16.45
CA PHE B 111 20.47 1.18 -16.62
C PHE B 111 21.83 1.84 -16.48
N ALA B 112 22.81 1.05 -16.07
CA ALA B 112 24.18 1.53 -15.93
C ALA B 112 24.75 1.35 -17.33
N PRO B 113 25.64 2.27 -17.75
CA PRO B 113 26.24 2.17 -19.09
C PRO B 113 26.92 0.84 -19.40
N GLY B 114 27.71 0.36 -18.46
CA GLY B 114 28.42 -0.90 -18.64
C GLY B 114 27.60 -2.13 -18.97
N THR B 115 26.38 -2.20 -18.45
CA THR B 115 25.53 -3.36 -18.69
C THR B 115 24.16 -3.05 -19.28
N ALA B 116 23.99 -1.82 -19.78
CA ALA B 116 22.71 -1.38 -20.36
C ALA B 116 22.08 -2.35 -21.35
N GLN B 117 22.90 -3.09 -22.09
CA GLN B 117 22.37 -4.03 -23.06
C GLN B 117 22.67 -5.49 -22.71
N ASN B 118 23.08 -5.72 -21.47
CA ASN B 118 23.38 -7.08 -21.01
C ASN B 118 22.15 -7.61 -20.28
N THR B 119 21.30 -8.33 -21.00
CA THR B 119 20.08 -8.87 -20.43
C THR B 119 20.29 -9.70 -19.19
N SER B 120 21.50 -10.23 -19.02
CA SER B 120 21.84 -11.06 -17.87
C SER B 120 22.24 -10.30 -16.61
N ALA B 121 22.55 -9.02 -16.75
CA ALA B 121 22.97 -8.23 -15.60
C ALA B 121 21.87 -7.33 -15.02
N ASN B 122 20.68 -7.41 -15.58
CA ASN B 122 19.58 -6.56 -15.11
C ASN B 122 18.32 -7.32 -14.73
N GLN B 123 17.47 -6.68 -13.93
CA GLN B 123 16.20 -7.23 -13.50
C GLN B 123 15.19 -6.09 -13.55
N VAL B 124 14.64 -5.85 -14.72
CA VAL B 124 13.68 -4.77 -14.86
C VAL B 124 12.81 -4.93 -16.10
N ILE B 125 11.54 -4.59 -15.93
CA ILE B 125 10.60 -4.61 -17.03
C ILE B 125 10.09 -3.17 -17.05
N ALA B 126 10.13 -2.54 -18.22
CA ALA B 126 9.69 -1.16 -18.32
C ALA B 126 9.05 -0.85 -19.66
N VAL B 127 8.12 0.08 -19.64
CA VAL B 127 7.45 0.53 -20.86
C VAL B 127 7.98 1.96 -21.00
N GLU B 128 8.73 2.21 -22.07
CA GLU B 128 9.30 3.51 -22.31
C GLU B 128 8.62 4.31 -23.40
N PHE B 129 8.60 5.62 -23.21
CA PHE B 129 8.06 6.55 -24.18
C PHE B 129 9.31 7.38 -24.42
N ASP B 130 10.02 6.95 -25.46
CA ASP B 130 11.32 7.48 -25.85
C ASP B 130 11.26 8.52 -26.96
N THR B 131 11.66 9.74 -26.64
CA THR B 131 11.60 10.84 -27.61
C THR B 131 12.92 11.22 -28.28
N PHE B 132 14.05 10.68 -27.81
CA PHE B 132 15.35 11.00 -28.38
C PHE B 132 15.97 9.74 -28.97
N TYR B 133 16.26 9.78 -30.27
CA TYR B 133 16.79 8.62 -30.97
C TYR B 133 18.04 8.85 -31.84
N ALA B 134 18.77 9.94 -31.59
CA ALA B 134 19.97 10.22 -32.36
C ALA B 134 20.80 8.94 -32.49
N GLN B 135 20.95 8.46 -33.71
CA GLN B 135 21.67 7.23 -34.00
C GLN B 135 23.14 7.20 -33.58
N ASP B 136 23.69 8.34 -33.17
CA ASP B 136 25.08 8.40 -32.76
C ASP B 136 25.26 8.23 -31.26
N SER B 137 24.24 8.56 -30.48
CA SER B 137 24.32 8.43 -29.03
C SER B 137 23.38 7.33 -28.52
N ASN B 138 22.20 7.22 -29.13
CA ASN B 138 21.26 6.18 -28.74
C ASN B 138 21.28 5.13 -29.86
N THR B 139 22.44 4.52 -30.04
CA THR B 139 22.65 3.53 -31.09
C THR B 139 21.69 2.35 -31.07
N TRP B 140 21.09 2.09 -29.91
CA TRP B 140 20.17 0.99 -29.73
C TRP B 140 18.73 1.27 -30.18
N ASP B 141 18.41 2.55 -30.40
CA ASP B 141 17.05 2.92 -30.81
C ASP B 141 16.74 2.90 -32.29
N PRO B 142 15.46 2.71 -32.63
CA PRO B 142 15.02 2.72 -34.03
C PRO B 142 15.12 4.21 -34.35
N ASN B 143 15.19 4.60 -35.61
CA ASN B 143 15.34 6.02 -35.93
C ASN B 143 14.05 6.86 -35.96
N TYR B 144 13.39 6.96 -34.82
CA TYR B 144 12.16 7.74 -34.65
C TYR B 144 11.60 7.61 -33.23
N PRO B 145 10.78 8.57 -32.80
CA PRO B 145 10.22 8.50 -31.44
C PRO B 145 9.41 7.21 -31.34
N HIS B 146 9.43 6.57 -30.18
CA HIS B 146 8.74 5.30 -30.05
C HIS B 146 8.33 4.91 -28.65
N ILE B 147 7.44 3.93 -28.61
CA ILE B 147 7.00 3.35 -27.35
C ILE B 147 7.71 2.01 -27.37
N GLY B 148 8.39 1.66 -26.28
CA GLY B 148 9.10 0.40 -26.26
C GLY B 148 8.92 -0.41 -24.99
N ILE B 149 9.02 -1.73 -25.13
CA ILE B 149 8.92 -2.62 -23.99
C ILE B 149 10.35 -3.07 -23.74
N ASP B 150 10.85 -2.78 -22.55
CA ASP B 150 12.21 -3.12 -22.17
C ASP B 150 12.25 -4.26 -21.16
N VAL B 151 13.01 -5.31 -21.47
CA VAL B 151 13.16 -6.45 -20.57
C VAL B 151 14.65 -6.66 -20.33
N ASN B 152 15.13 -6.15 -19.20
CA ASN B 152 16.53 -6.25 -18.79
C ASN B 152 17.52 -5.59 -19.73
N SER B 153 17.03 -4.74 -20.64
CA SER B 153 17.89 -4.04 -21.59
C SER B 153 17.29 -2.74 -22.13
N ILE B 154 18.15 -1.76 -22.39
CA ILE B 154 17.68 -0.47 -22.91
C ILE B 154 17.31 -0.67 -24.38
N ARG B 155 17.77 -1.77 -24.98
CA ARG B 155 17.43 -2.07 -26.36
C ARG B 155 16.11 -2.83 -26.27
N SER B 156 15.03 -2.13 -26.54
CA SER B 156 13.68 -2.68 -26.47
C SER B 156 13.49 -4.02 -27.19
N VAL B 157 12.75 -4.93 -26.57
CA VAL B 157 12.49 -6.22 -27.19
C VAL B 157 11.54 -5.94 -28.35
N LYS B 158 10.94 -4.75 -28.32
CA LYS B 158 10.07 -4.32 -29.40
C LYS B 158 9.59 -2.90 -29.23
N THR B 159 9.35 -2.24 -30.36
CA THR B 159 8.89 -0.86 -30.36
C THR B 159 7.83 -0.65 -31.43
N VAL B 160 7.13 0.48 -31.31
CA VAL B 160 6.12 0.87 -32.30
C VAL B 160 6.30 2.37 -32.44
N LYS B 161 6.11 2.88 -33.66
CA LYS B 161 6.26 4.31 -33.91
C LYS B 161 5.28 5.09 -33.05
N TRP B 162 5.76 6.18 -32.47
CA TRP B 162 4.95 7.01 -31.59
C TRP B 162 5.12 8.48 -31.94
N ASP B 163 4.08 9.27 -31.73
CA ASP B 163 4.15 10.70 -32.03
C ASP B 163 4.22 11.49 -30.73
N ARG B 164 5.26 12.31 -30.59
CA ARG B 164 5.44 13.17 -29.43
C ARG B 164 4.61 14.43 -29.68
N ARG B 165 3.75 14.79 -28.73
CA ARG B 165 2.96 16.00 -28.87
C ARG B 165 3.20 16.87 -27.66
N ASP B 166 3.89 17.99 -27.89
CA ASP B 166 4.25 18.91 -26.83
C ASP B 166 3.03 19.40 -26.04
N GLY B 167 3.10 19.28 -24.72
CA GLY B 167 2.02 19.74 -23.88
C GLY B 167 0.70 18.99 -23.93
N GLN B 168 0.65 17.84 -24.57
CA GLN B 168 -0.59 17.07 -24.63
C GLN B 168 -0.46 15.81 -23.78
N SER B 169 -1.50 15.54 -22.99
CA SER B 169 -1.49 14.37 -22.11
C SER B 169 -1.71 13.07 -22.85
N LEU B 170 -0.89 12.08 -22.53
CA LEU B 170 -1.02 10.77 -23.14
C LEU B 170 -1.57 9.87 -22.04
N ASN B 171 -2.68 9.18 -22.31
CA ASN B 171 -3.25 8.25 -21.34
C ASN B 171 -2.79 6.85 -21.69
N VAL B 172 -2.21 6.17 -20.72
CA VAL B 172 -1.68 4.83 -20.94
C VAL B 172 -2.25 3.76 -20.03
N LEU B 173 -2.52 2.59 -20.60
CA LEU B 173 -3.01 1.47 -19.83
C LEU B 173 -2.04 0.31 -20.07
N VAL B 174 -1.36 -0.15 -19.02
CA VAL B 174 -0.42 -1.26 -19.13
C VAL B 174 -1.01 -2.42 -18.33
N THR B 175 -1.19 -3.57 -18.98
CA THR B 175 -1.77 -4.73 -18.30
C THR B 175 -0.99 -6.00 -18.54
N PHE B 176 -1.04 -6.90 -17.57
CA PHE B 176 -0.38 -8.19 -17.67
C PHE B 176 -1.37 -9.26 -17.27
N ASN B 177 -1.55 -10.23 -18.16
CA ASN B 177 -2.44 -11.36 -17.93
C ASN B 177 -1.55 -12.57 -17.71
N PRO B 178 -1.52 -13.12 -16.49
CA PRO B 178 -0.69 -14.29 -16.19
C PRO B 178 -1.03 -15.55 -16.99
N SER B 179 -2.25 -15.65 -17.48
CA SER B 179 -2.66 -16.82 -18.26
C SER B 179 -1.96 -16.90 -19.61
N THR B 180 -1.99 -15.79 -20.33
CA THR B 180 -1.38 -15.70 -21.65
C THR B 180 0.04 -15.16 -21.57
N ARG B 181 0.39 -14.61 -20.40
CA ARG B 181 1.71 -14.02 -20.19
C ARG B 181 1.92 -12.83 -21.14
N ASN B 182 0.81 -12.24 -21.58
CA ASN B 182 0.86 -11.07 -22.45
C ASN B 182 0.91 -9.77 -21.66
N LEU B 183 1.88 -8.92 -22.00
CA LEU B 183 2.01 -7.60 -21.40
C LEU B 183 1.50 -6.68 -22.51
N ASP B 184 0.35 -6.05 -22.29
CA ASP B 184 -0.22 -5.16 -23.29
C ASP B 184 -0.12 -3.68 -22.90
N VAL B 185 0.14 -2.84 -23.90
CA VAL B 185 0.23 -1.41 -23.70
C VAL B 185 -0.71 -0.74 -24.69
N VAL B 186 -1.54 0.15 -24.18
CA VAL B 186 -2.47 0.91 -25.01
C VAL B 186 -2.32 2.36 -24.58
N ALA B 187 -1.96 3.23 -25.52
CA ALA B 187 -1.78 4.64 -25.21
C ALA B 187 -2.63 5.45 -26.17
N THR B 188 -3.21 6.53 -25.67
CA THR B 188 -4.07 7.37 -26.50
C THR B 188 -3.97 8.86 -26.18
N TYR B 189 -4.17 9.69 -27.20
CA TYR B 189 -4.18 11.13 -27.01
C TYR B 189 -5.67 11.49 -26.97
N SER B 190 -6.00 12.69 -26.50
CA SER B 190 -7.40 13.08 -26.38
C SER B 190 -8.20 13.14 -27.68
N ASP B 191 -7.51 13.13 -28.83
CA ASP B 191 -8.20 13.17 -30.11
C ASP B 191 -8.53 11.76 -30.61
N GLY B 192 -8.19 10.75 -29.82
CA GLY B 192 -8.46 9.40 -30.22
C GLY B 192 -7.29 8.67 -30.88
N THR B 193 -6.20 9.38 -31.15
CA THR B 193 -5.04 8.74 -31.76
C THR B 193 -4.62 7.63 -30.78
N ARG B 194 -4.44 6.43 -31.31
CA ARG B 194 -4.16 5.27 -30.49
C ARG B 194 -2.91 4.50 -30.87
N TYR B 195 -2.19 3.98 -29.87
CA TYR B 195 -0.98 3.18 -30.11
C TYR B 195 -1.11 1.91 -29.27
N GLU B 196 -0.69 0.78 -29.84
CA GLU B 196 -0.74 -0.50 -29.15
C GLU B 196 0.49 -1.34 -29.42
N VAL B 197 0.96 -2.01 -28.37
CA VAL B 197 2.11 -2.88 -28.50
C VAL B 197 1.94 -3.96 -27.45
N SER B 198 2.24 -5.20 -27.80
CA SER B 198 2.10 -6.31 -26.88
C SER B 198 3.31 -7.24 -26.92
N TYR B 199 3.59 -7.91 -25.82
CA TYR B 199 4.72 -8.80 -25.76
C TYR B 199 4.48 -9.91 -24.75
N GLU B 200 4.90 -11.12 -25.09
CA GLU B 200 4.73 -12.26 -24.20
C GLU B 200 5.98 -12.44 -23.36
N VAL B 201 5.83 -12.38 -22.04
CA VAL B 201 6.97 -12.55 -21.16
C VAL B 201 6.56 -13.19 -19.84
N ASP B 202 7.36 -14.16 -19.39
CA ASP B 202 7.10 -14.83 -18.13
C ASP B 202 7.84 -13.97 -17.10
N VAL B 203 7.10 -13.18 -16.35
CA VAL B 203 7.73 -12.29 -15.37
C VAL B 203 8.50 -13.05 -14.29
N ARG B 204 8.17 -14.32 -14.08
CA ARG B 204 8.83 -15.12 -13.07
C ARG B 204 10.31 -15.39 -13.35
N SER B 205 10.69 -15.35 -14.62
CA SER B 205 12.08 -15.61 -14.97
C SER B 205 12.87 -14.32 -15.11
N VAL B 206 12.22 -13.19 -14.79
CA VAL B 206 12.84 -11.89 -14.90
C VAL B 206 12.91 -11.10 -13.59
N LEU B 207 11.86 -11.20 -12.78
CA LEU B 207 11.78 -10.45 -11.54
C LEU B 207 11.54 -11.31 -10.30
N PRO B 208 12.00 -10.82 -9.14
CA PRO B 208 11.82 -11.53 -7.87
C PRO B 208 10.31 -11.54 -7.53
N GLU B 209 9.92 -12.33 -6.55
CA GLU B 209 8.52 -12.43 -6.14
C GLU B 209 7.92 -11.12 -5.67
N TRP B 210 8.73 -10.31 -4.98
CA TRP B 210 8.26 -9.01 -4.51
C TRP B 210 9.02 -7.90 -5.25
N VAL B 211 8.26 -6.93 -5.74
CA VAL B 211 8.86 -5.83 -6.48
C VAL B 211 8.22 -4.50 -6.11
N ARG B 212 8.78 -3.44 -6.67
CA ARG B 212 8.23 -2.10 -6.48
C ARG B 212 7.97 -1.56 -7.88
N VAL B 213 6.91 -0.77 -8.01
CA VAL B 213 6.55 -0.20 -9.30
C VAL B 213 6.69 1.32 -9.24
N GLY B 214 7.02 1.92 -10.36
CA GLY B 214 7.17 3.36 -10.38
C GLY B 214 7.49 3.92 -11.74
N PHE B 215 7.99 5.15 -11.76
CA PHE B 215 8.32 5.80 -13.02
C PHE B 215 9.73 6.36 -12.97
N SER B 216 10.31 6.52 -14.15
CA SER B 216 11.65 7.04 -14.26
C SER B 216 11.68 7.94 -15.48
N ALA B 217 12.51 8.99 -15.43
CA ALA B 217 12.65 9.91 -16.54
C ALA B 217 14.02 10.54 -16.44
N ALA B 218 14.51 11.04 -17.56
CA ALA B 218 15.82 11.66 -17.59
C ALA B 218 16.00 12.57 -18.79
N SER B 219 16.92 13.52 -18.66
CA SER B 219 17.27 14.44 -19.73
C SER B 219 18.79 14.58 -19.72
N GLY B 220 19.41 14.46 -20.89
CA GLY B 220 20.84 14.61 -20.99
C GLY B 220 21.16 16.01 -21.52
N GLU B 221 21.75 16.09 -22.71
CA GLU B 221 22.08 17.38 -23.29
C GLU B 221 20.82 18.08 -23.77
N GLN B 222 19.86 17.30 -24.27
CA GLN B 222 18.58 17.84 -24.68
C GLN B 222 17.63 17.60 -23.49
N TYR B 223 16.60 18.41 -23.37
CA TYR B 223 15.70 18.28 -22.24
C TYR B 223 14.25 18.62 -22.52
N GLN B 224 13.41 18.25 -21.57
CA GLN B 224 11.97 18.47 -21.63
C GLN B 224 11.46 18.10 -20.24
N THR B 225 10.28 18.56 -19.87
CA THR B 225 9.71 18.20 -18.58
C THR B 225 9.03 16.85 -18.79
N HIS B 226 8.99 16.04 -17.74
CA HIS B 226 8.34 14.73 -17.79
C HIS B 226 7.38 14.79 -16.60
N THR B 227 6.13 15.11 -16.90
CA THR B 227 5.13 15.29 -15.88
C THR B 227 4.10 14.17 -15.74
N LEU B 228 4.14 13.47 -14.60
CA LEU B 228 3.21 12.39 -14.32
C LEU B 228 1.99 13.09 -13.70
N GLU B 229 0.85 13.03 -14.39
CA GLU B 229 -0.37 13.70 -13.95
C GLU B 229 -1.32 12.88 -13.07
N SER B 230 -1.42 11.58 -13.35
CA SER B 230 -2.28 10.69 -12.56
C SER B 230 -1.74 9.26 -12.66
N TRP B 231 -2.20 8.41 -11.76
CA TRP B 231 -1.75 7.02 -11.76
C TRP B 231 -2.60 6.15 -10.84
N SER B 232 -3.08 5.02 -11.37
CA SER B 232 -3.83 4.09 -10.54
C SER B 232 -3.20 2.75 -10.86
N PHE B 233 -3.10 1.90 -9.85
CA PHE B 233 -2.49 0.59 -10.02
C PHE B 233 -3.25 -0.46 -9.23
N THR B 234 -3.38 -1.65 -9.80
CA THR B 234 -4.06 -2.73 -9.12
C THR B 234 -3.34 -4.03 -9.44
N SER B 235 -3.27 -4.92 -8.46
CA SER B 235 -2.60 -6.18 -8.64
C SER B 235 -3.22 -7.26 -7.75
N THR B 236 -3.42 -8.45 -8.31
CA THR B 236 -3.99 -9.57 -7.56
C THR B 236 -3.40 -10.89 -8.03
N LEU B 237 -2.99 -11.73 -7.07
CA LEU B 237 -2.42 -13.03 -7.38
C LEU B 237 -3.47 -14.03 -7.89
N LEU B 238 -3.15 -14.70 -9.00
CA LEU B 238 -4.02 -15.70 -9.61
C LEU B 238 -3.27 -17.00 -9.92
N TYR B 239 -4.01 -18.11 -9.95
CA TYR B 239 -3.42 -19.41 -10.25
C TYR B 239 -3.11 -19.52 -11.73
N THR B 240 -2.06 -20.26 -12.05
CA THR B 240 -1.65 -20.48 -13.44
C THR B 240 -1.04 -21.86 -13.61
N ALA B 241 -1.09 -22.38 -14.83
C1 BMA C . 29.16 17.41 -30.52
C2 BMA C . 28.60 18.46 -29.55
C3 BMA C . 28.67 17.94 -28.12
C4 BMA C . 27.99 16.55 -28.02
C5 BMA C . 28.57 15.57 -29.06
C6 BMA C . 27.90 14.21 -29.10
O1 BMA C . 28.98 17.87 -31.83
O2 BMA C . 27.24 18.74 -29.88
O3 BMA C . 28.06 18.86 -27.23
O4 BMA C . 28.17 16.02 -26.71
O5 BMA C . 28.48 16.14 -30.39
O6 BMA C . 26.76 14.28 -29.93
C1 MAN C . 25.82 13.28 -29.59
C2 MAN C . 24.52 13.62 -30.30
C3 MAN C . 23.82 14.83 -29.67
C4 MAN C . 23.69 14.62 -28.17
C5 MAN C . 25.07 14.32 -27.58
C6 MAN C . 25.04 14.10 -26.09
O2 MAN C . 23.63 12.50 -30.34
O3 MAN C . 22.51 15.03 -30.25
O4 MAN C . 23.13 15.77 -27.56
O5 MAN C . 25.59 13.13 -28.19
O6 MAN C . 24.24 12.94 -25.77
C1 MAN C . 23.70 13.03 -24.49
C2 MAN C . 23.64 11.65 -23.83
C3 MAN C . 22.53 10.77 -24.41
C4 MAN C . 21.20 11.53 -24.48
C5 MAN C . 21.40 12.88 -25.18
C6 MAN C . 20.14 13.72 -25.25
O2 MAN C . 23.47 11.77 -22.41
O3 MAN C . 22.36 9.61 -23.62
O4 MAN C . 20.25 10.75 -25.20
O5 MAN C . 22.41 13.65 -24.48
O6 MAN C . 19.75 14.17 -23.96
C1 MAN C . 24.56 11.35 -21.64
C2 MAN C . 24.10 11.05 -20.21
C3 MAN C . 23.74 12.34 -19.47
C4 MAN C . 24.85 13.38 -19.58
C5 MAN C . 25.28 13.57 -21.04
C6 MAN C . 26.51 14.45 -21.16
O2 MAN C . 25.14 10.37 -19.51
O3 MAN C . 23.50 12.06 -18.10
O4 MAN C . 24.40 14.61 -19.06
O5 MAN C . 25.62 12.29 -21.63
O6 MAN C . 26.99 14.50 -22.50
C1 MAN C . 22.38 16.15 -31.09
C2 MAN C . 20.90 16.49 -31.30
C3 MAN C . 20.23 15.42 -32.16
C4 MAN C . 21.00 15.26 -33.48
C5 MAN C . 22.47 14.94 -33.18
C6 MAN C . 23.30 14.88 -34.45
O2 MAN C . 20.80 17.75 -31.95
O3 MAN C . 18.88 15.79 -32.43
O4 MAN C . 20.43 14.21 -34.24
O5 MAN C . 23.04 15.96 -32.34
O6 MAN C . 24.53 14.20 -34.22
C1 MAN D . -3.84 -8.81 35.27
C2 MAN D . -3.63 -7.48 34.54
C3 MAN D . -4.91 -7.02 33.87
C4 MAN D . -5.48 -8.12 32.97
C5 MAN D . -5.63 -9.42 33.76
C6 MAN D . -6.09 -10.59 32.91
O2 MAN D . -2.58 -7.63 33.55
O3 MAN D . -4.67 -5.86 33.09
O4 MAN D . -6.74 -7.73 32.46
O5 MAN D . -4.37 -9.79 34.37
O6 MAN D . -5.07 -10.99 32.00
O6 MAN E . -4.66 -8.63 36.39
MN MN F . -13.62 -3.38 27.28
CA CA G . -11.13 -5.88 29.53
MN MN H . 14.24 3.51 -26.94
CA CA I . 16.38 7.13 -26.63
#